data_1PL3
#
_entry.id   1PL3
#
_cell.length_a   139.033
_cell.length_b   139.033
_cell.length_c   52.668
_cell.angle_alpha   90.00
_cell.angle_beta   90.00
_cell.angle_gamma   120.00
#
_symmetry.space_group_name_H-M   'P 65'
#
loop_
_entity.id
_entity.type
_entity.pdbx_description
1 polymer 'Cellobiose dehydrogenase'
2 branched 2-acetamido-2-deoxy-beta-D-glucopyranose-(1-4)-2-acetamido-2-deoxy-beta-D-glucopyranose
3 non-polymer 'CADMIUM ION'
4 non-polymer 'PROTOPORPHYRIN IX CONTAINING FE'
5 non-polymer 2-(2-{2-[2-(2-METHOXY-ETHOXY)-ETHOXY]-ETHOXY}-ETHOXY)-ETHANOL
6 water water
#
_entity_poly.entity_id   1
_entity_poly.type   'polypeptide(L)'
_entity_poly.pdbx_seq_one_letter_code
;(PCA)SASQFTDPTTGFQFTGITDPVHDVTYGFVFPPLATSGAQSTEFIGEVVAPIASKWIGIALGGAHNNDLLLVAWAN
GNQIVSSTRWATGYVQPTAYTGTATLTTLPETTINSTHWKWVFRCQGCTEWNNGGGIDVTSQGVLAWAFSNVAVDDPSDP
QSTFSEHTDFGFFGIDYSTAHSANYQNYLN
;
_entity_poly.pdbx_strand_id   A,B
#
# COMPACT_ATOMS: atom_id res chain seq x y z
N SER A 2 4.74 -0.29 8.57
CA SER A 2 4.93 -0.56 9.99
C SER A 2 4.26 0.53 10.84
N ALA A 3 3.52 0.14 11.89
CA ALA A 3 2.90 1.11 12.77
C ALA A 3 3.95 1.80 13.64
N SER A 4 3.61 2.97 14.13
CA SER A 4 4.36 3.63 15.18
C SER A 4 3.42 4.40 16.11
N GLN A 5 4.01 4.86 17.21
CA GLN A 5 3.32 5.59 18.28
C GLN A 5 3.11 7.03 17.93
N PHE A 6 1.92 7.55 18.18
CA PHE A 6 1.62 8.97 17.95
C PHE A 6 0.58 9.48 18.99
N THR A 7 0.58 10.80 19.19
CA THR A 7 -0.36 11.42 20.09
C THR A 7 -1.36 12.18 19.22
N ASP A 8 -2.65 12.01 19.49
CA ASP A 8 -3.66 12.83 18.84
C ASP A 8 -3.54 14.21 19.51
N PRO A 9 -3.28 15.26 18.73
CA PRO A 9 -2.97 16.57 19.29
C PRO A 9 -4.14 17.29 19.97
N THR A 10 -5.37 16.91 19.68
CA THR A 10 -6.50 17.54 20.37
C THR A 10 -6.93 16.80 21.63
N THR A 11 -7.08 15.49 21.53
CA THR A 11 -7.53 14.70 22.67
C THR A 11 -6.37 14.33 23.63
N GLY A 12 -5.13 14.31 23.15
CA GLY A 12 -4.03 13.75 23.91
C GLY A 12 -3.98 12.21 24.00
N PHE A 13 -4.95 11.52 23.41
CA PHE A 13 -4.88 10.06 23.35
C PHE A 13 -3.59 9.59 22.62
N GLN A 14 -2.96 8.57 23.16
CA GLN A 14 -1.75 7.98 22.54
C GLN A 14 -2.07 6.67 21.82
N PHE A 15 -1.78 6.57 20.53
CA PHE A 15 -2.15 5.42 19.70
C PHE A 15 -0.93 4.86 19.10
N THR A 16 -1.09 3.64 18.56
CA THR A 16 -0.17 2.96 17.72
C THR A 16 -0.87 2.71 16.41
N GLY A 17 -0.25 3.17 15.34
CA GLY A 17 -0.83 2.99 14.02
C GLY A 17 -0.08 3.66 12.90
N ILE A 18 -0.81 4.03 11.84
CA ILE A 18 -0.21 4.54 10.63
C ILE A 18 -1.09 5.60 10.01
N THR A 19 -0.50 6.41 9.12
CA THR A 19 -1.26 7.17 8.15
C THR A 19 -0.93 6.58 6.76
N ASP A 20 -1.96 6.13 6.07
CA ASP A 20 -1.87 5.79 4.66
C ASP A 20 -1.66 7.07 3.83
N PRO A 21 -0.55 7.22 3.10
CA PRO A 21 -0.26 8.48 2.38
C PRO A 21 -1.11 8.65 1.11
N VAL A 22 -1.72 7.60 0.60
CA VAL A 22 -2.53 7.70 -0.61
C VAL A 22 -3.83 8.41 -0.32
N HIS A 23 -4.55 7.96 0.72
CA HIS A 23 -5.88 8.53 1.01
C HIS A 23 -5.83 9.43 2.23
N ASP A 24 -4.66 9.46 2.84
CA ASP A 24 -4.37 10.28 4.00
C ASP A 24 -5.31 10.01 5.16
N VAL A 25 -5.54 8.73 5.38
CA VAL A 25 -6.29 8.20 6.49
C VAL A 25 -5.35 7.70 7.60
N THR A 26 -5.60 8.17 8.83
CA THR A 26 -4.85 7.73 9.99
C THR A 26 -5.65 6.63 10.75
N TYR A 27 -4.97 5.54 11.09
CA TYR A 27 -5.53 4.45 11.86
C TYR A 27 -4.71 4.29 13.15
N GLY A 28 -5.38 4.27 14.29
CA GLY A 28 -4.72 4.23 15.56
C GLY A 28 -5.45 3.24 16.48
N PHE A 29 -4.69 2.57 17.34
CA PHE A 29 -5.17 1.54 18.24
C PHE A 29 -4.45 1.73 19.57
N VAL A 30 -5.16 1.47 20.65
CA VAL A 30 -4.57 1.53 21.98
C VAL A 30 -5.32 0.52 22.86
N PHE A 31 -4.56 -0.17 23.73
CA PHE A 31 -5.04 -1.31 24.50
C PHE A 31 -4.88 -1.04 25.98
N PRO A 32 -5.71 -1.67 26.77
CA PRO A 32 -5.61 -1.51 28.24
C PRO A 32 -4.30 -2.16 28.70
N PRO A 33 -3.87 -1.86 29.91
CA PRO A 33 -2.70 -2.54 30.48
C PRO A 33 -2.76 -4.04 30.35
N LEU A 34 -1.64 -4.59 29.96
CA LEU A 34 -1.40 -6.03 30.07
C LEU A 34 -1.62 -6.53 31.50
N ALA A 35 -2.25 -7.69 31.60
CA ALA A 35 -2.49 -8.31 32.90
C ALA A 35 -1.23 -9.01 33.39
N THR A 36 -1.02 -8.87 34.70
CA THR A 36 0.12 -9.49 35.42
C THR A 36 -0.28 -10.92 35.75
N SER A 37 -1.58 -11.18 35.82
CA SER A 37 -2.12 -12.52 36.08
C SER A 37 -3.46 -12.69 35.35
N GLY A 38 -3.74 -13.92 34.91
CA GLY A 38 -5.00 -14.25 34.28
C GLY A 38 -5.03 -13.84 32.80
N ALA A 39 -6.26 -13.67 32.31
CA ALA A 39 -6.47 -13.42 30.92
C ALA A 39 -6.29 -11.92 30.64
N GLN A 40 -5.88 -11.63 29.42
CA GLN A 40 -5.88 -10.25 28.91
C GLN A 40 -7.29 -9.68 28.68
N SER A 41 -7.42 -8.36 28.80
CA SER A 41 -8.64 -7.69 28.36
C SER A 41 -8.93 -7.97 26.87
N THR A 42 -10.21 -7.97 26.51
CA THR A 42 -10.58 -8.26 25.13
C THR A 42 -11.11 -7.01 24.45
N GLU A 43 -10.89 -5.84 25.06
CA GLU A 43 -11.26 -4.62 24.44
C GLU A 43 -10.04 -3.78 24.02
N PHE A 44 -10.33 -2.80 23.21
CA PHE A 44 -9.41 -1.75 22.80
C PHE A 44 -10.16 -0.54 22.32
N ILE A 45 -9.41 0.54 22.16
CA ILE A 45 -9.91 1.78 21.62
C ILE A 45 -9.18 2.08 20.33
N GLY A 46 -9.94 2.53 19.33
CA GLY A 46 -9.32 2.94 18.10
C GLY A 46 -9.75 4.26 17.58
N GLU A 47 -9.13 4.70 16.48
CA GLU A 47 -9.61 5.85 15.73
C GLU A 47 -9.30 5.73 14.25
N VAL A 48 -10.19 6.28 13.46
CA VAL A 48 -9.97 6.50 12.03
C VAL A 48 -10.12 8.01 11.86
N VAL A 49 -9.13 8.66 11.29
CA VAL A 49 -9.16 10.07 10.90
C VAL A 49 -9.06 10.11 9.38
N ALA A 50 -10.17 10.47 8.74
CA ALA A 50 -10.31 10.33 7.31
C ALA A 50 -10.80 11.61 6.66
N PRO A 51 -10.21 12.00 5.55
CA PRO A 51 -10.80 13.08 4.77
C PRO A 51 -12.23 12.76 4.39
N ILE A 52 -13.08 13.77 4.21
CA ILE A 52 -14.50 13.55 3.87
C ILE A 52 -14.69 12.84 2.54
N ALA A 53 -13.68 12.91 1.65
CA ALA A 53 -13.74 12.11 0.41
C ALA A 53 -13.78 10.60 0.66
N SER A 54 -13.43 10.16 1.87
CA SER A 54 -13.41 8.74 2.23
C SER A 54 -14.85 8.37 2.51
N LYS A 55 -15.46 7.62 1.59
CA LYS A 55 -16.86 7.30 1.74
C LYS A 55 -17.18 6.13 2.68
N TRP A 56 -16.32 5.11 2.73
CA TRP A 56 -16.38 4.16 3.83
C TRP A 56 -14.96 3.67 4.04
N ILE A 57 -14.68 3.30 5.29
CA ILE A 57 -13.44 2.73 5.70
C ILE A 57 -13.73 1.42 6.45
N GLY A 58 -12.94 0.41 6.17
CA GLY A 58 -12.92 -0.82 6.93
C GLY A 58 -11.58 -1.08 7.63
N ILE A 59 -11.65 -1.71 8.79
CA ILE A 59 -10.50 -2.27 9.48
C ILE A 59 -10.69 -3.77 9.62
N ALA A 60 -9.68 -4.50 9.20
CA ALA A 60 -9.68 -5.92 9.29
C ALA A 60 -8.78 -6.35 10.42
N LEU A 61 -9.37 -6.91 11.48
CA LEU A 61 -8.62 -7.09 12.74
C LEU A 61 -7.64 -8.23 12.75
N GLY A 62 -7.73 -9.13 11.74
CA GLY A 62 -6.71 -10.12 11.52
C GLY A 62 -6.02 -9.95 10.20
N GLY A 63 -6.12 -8.79 9.56
CA GLY A 63 -5.41 -8.52 8.33
C GLY A 63 -5.90 -9.10 7.01
N ALA A 64 -7.18 -9.49 6.96
CA ALA A 64 -7.72 -10.23 5.84
C ALA A 64 -9.20 -9.93 5.60
N HIS A 65 -9.63 -10.13 4.36
CA HIS A 65 -11.04 -10.01 4.06
C HIS A 65 -11.83 -11.10 4.83
N ASN A 66 -11.32 -12.33 4.78
CA ASN A 66 -12.03 -13.53 5.28
C ASN A 66 -11.61 -13.98 6.65
N ASN A 67 -12.60 -14.51 7.42
CA ASN A 67 -12.35 -15.26 8.68
C ASN A 67 -11.73 -14.42 9.76
N ASP A 68 -12.14 -13.15 9.81
CA ASP A 68 -11.71 -12.26 10.87
C ASP A 68 -12.69 -11.10 11.09
N LEU A 69 -12.67 -10.55 12.29
CA LEU A 69 -13.62 -9.47 12.64
C LEU A 69 -13.24 -8.22 11.85
N LEU A 70 -14.25 -7.63 11.25
CA LEU A 70 -14.18 -6.43 10.46
C LEU A 70 -15.01 -5.34 11.10
N LEU A 71 -14.44 -4.14 11.07
CA LEU A 71 -15.10 -2.96 11.54
C LEU A 71 -15.26 -2.07 10.34
N VAL A 72 -16.47 -1.59 10.15
CA VAL A 72 -16.76 -0.72 9.04
C VAL A 72 -17.43 0.53 9.52
N ALA A 73 -17.07 1.65 8.94
CA ALA A 73 -17.67 2.92 9.31
C ALA A 73 -17.70 3.92 8.15
N TRP A 74 -18.62 4.85 8.26
CA TRP A 74 -18.71 5.97 7.37
C TRP A 74 -19.40 7.11 8.13
N ALA A 75 -19.21 8.30 7.60
CA ALA A 75 -19.94 9.48 8.00
C ALA A 75 -21.23 9.59 7.23
N ASN A 76 -22.29 9.95 7.92
CA ASN A 76 -23.59 10.23 7.30
C ASN A 76 -24.00 11.56 7.91
N GLY A 77 -23.65 12.67 7.27
CA GLY A 77 -23.89 13.97 7.90
C GLY A 77 -22.99 14.17 9.10
N ASN A 78 -23.55 14.47 10.26
CA ASN A 78 -22.75 14.70 11.51
C ASN A 78 -22.76 13.50 12.46
N GLN A 79 -23.06 12.34 11.92
CA GLN A 79 -23.03 11.09 12.67
C GLN A 79 -22.08 10.05 12.02
N ILE A 80 -21.42 9.25 12.86
CA ILE A 80 -20.70 8.09 12.33
C ILE A 80 -21.67 6.90 12.38
N VAL A 81 -21.79 6.21 11.26
CA VAL A 81 -22.50 4.93 11.19
C VAL A 81 -21.44 3.84 11.13
N SER A 82 -21.56 2.84 12.00
CA SER A 82 -20.56 1.80 12.09
C SER A 82 -21.18 0.45 12.31
N SER A 83 -20.40 -0.58 12.03
CA SER A 83 -20.86 -1.97 12.21
C SER A 83 -19.69 -2.95 12.32
N THR A 84 -19.95 -4.09 12.93
CA THR A 84 -19.04 -5.24 12.95
C THR A 84 -19.48 -6.23 11.85
N ARG A 85 -18.52 -6.74 11.06
CA ARG A 85 -18.86 -7.63 9.98
C ARG A 85 -17.91 -8.79 9.91
N TRP A 86 -18.29 -9.73 9.05
CA TRP A 86 -17.57 -10.97 8.87
C TRP A 86 -17.79 -11.45 7.42
N ALA A 87 -16.77 -12.07 6.85
CA ALA A 87 -16.93 -12.68 5.50
C ALA A 87 -16.23 -14.01 5.39
N THR A 88 -16.74 -14.84 4.49
CA THR A 88 -15.94 -15.92 3.87
C THR A 88 -16.00 -15.87 2.36
N GLY A 89 -15.02 -16.45 1.68
CA GLY A 89 -15.04 -16.54 0.21
C GLY A 89 -14.95 -15.30 -0.67
N TYR A 90 -14.66 -14.13 -0.09
CA TYR A 90 -14.46 -12.88 -0.81
C TYR A 90 -15.73 -12.18 -1.27
N VAL A 91 -16.78 -12.32 -0.50
CA VAL A 91 -18.01 -11.58 -0.83
C VAL A 91 -18.34 -10.53 0.22
N GLN A 92 -19.34 -9.73 -0.11
CA GLN A 92 -19.91 -8.74 0.76
C GLN A 92 -19.90 -9.27 2.22
N PRO A 93 -19.12 -8.62 3.08
CA PRO A 93 -19.18 -8.94 4.50
C PRO A 93 -20.59 -8.65 5.06
N THR A 94 -21.07 -9.53 5.93
CA THR A 94 -22.38 -9.38 6.57
C THR A 94 -22.22 -9.14 8.05
N ALA A 95 -23.32 -8.89 8.75
CA ALA A 95 -23.29 -8.58 10.14
C ALA A 95 -22.64 -9.71 10.91
N TYR A 96 -21.68 -9.35 11.76
CA TYR A 96 -21.03 -10.28 12.67
C TYR A 96 -22.03 -10.78 13.72
N THR A 97 -21.97 -12.05 14.02
CA THR A 97 -22.92 -12.66 14.95
C THR A 97 -22.32 -12.89 16.34
N GLY A 98 -21.06 -12.54 16.54
CA GLY A 98 -20.44 -12.70 17.82
C GLY A 98 -20.73 -11.55 18.77
N THR A 99 -19.96 -11.54 19.84
CA THR A 99 -20.07 -10.64 20.96
C THR A 99 -19.01 -9.59 20.72
N ALA A 100 -19.39 -8.47 20.16
CA ALA A 100 -18.43 -7.38 19.93
C ALA A 100 -19.35 -6.20 19.93
N THR A 101 -19.05 -5.24 20.80
CA THR A 101 -19.82 -4.00 20.89
C THR A 101 -18.86 -2.83 20.50
N LEU A 102 -19.19 -2.18 19.41
CA LEU A 102 -18.58 -0.94 18.99
C LEU A 102 -19.35 0.21 19.50
N THR A 103 -18.70 1.06 20.31
CA THR A 103 -19.27 2.29 20.85
C THR A 103 -18.48 3.48 20.32
N THR A 104 -19.20 4.47 19.78
CA THR A 104 -18.59 5.73 19.35
C THR A 104 -18.31 6.61 20.54
N LEU A 105 -17.05 6.95 20.78
CA LEU A 105 -16.67 7.73 21.96
C LEU A 105 -16.85 9.24 21.71
N PRO A 106 -17.07 10.01 22.76
CA PRO A 106 -17.42 11.43 22.61
C PRO A 106 -16.34 12.29 21.95
N GLU A 107 -15.11 11.82 21.89
CA GLU A 107 -14.03 12.53 21.18
C GLU A 107 -14.22 12.54 19.64
N THR A 108 -15.10 11.68 19.17
CA THR A 108 -15.46 11.63 17.78
C THR A 108 -15.90 13.04 17.28
N THR A 109 -15.40 13.42 16.14
CA THR A 109 -15.45 14.79 15.64
C THR A 109 -15.61 14.71 14.13
N ILE A 110 -16.64 15.36 13.63
CA ILE A 110 -16.81 15.55 12.22
C ILE A 110 -16.74 17.05 11.92
N ASN A 111 -15.78 17.45 11.08
CA ASN A 111 -15.67 18.83 10.67
C ASN A 111 -15.78 18.98 9.14
N SER A 112 -15.42 20.12 8.62
CA SER A 112 -15.70 20.39 7.19
C SER A 112 -14.76 19.58 6.30
N THR A 113 -13.59 19.15 6.78
CA THR A 113 -12.64 18.42 5.93
C THR A 113 -12.38 16.95 6.30
N HIS A 114 -12.65 16.57 7.53
CA HIS A 114 -12.38 15.21 8.03
C HIS A 114 -13.47 14.67 8.96
N TRP A 115 -13.55 13.36 9.03
CA TRP A 115 -14.25 12.70 10.10
C TRP A 115 -13.28 11.88 10.93
N LYS A 116 -13.39 12.05 12.25
CA LYS A 116 -12.50 11.46 13.21
C LYS A 116 -13.38 10.57 14.07
N TRP A 117 -13.31 9.28 13.80
CA TRP A 117 -14.08 8.29 14.51
C TRP A 117 -13.24 7.70 15.59
N VAL A 118 -13.59 7.99 16.84
CA VAL A 118 -12.95 7.42 18.00
C VAL A 118 -13.89 6.44 18.68
N PHE A 119 -13.42 5.22 18.84
CA PHE A 119 -14.29 4.12 19.22
C PHE A 119 -13.70 3.19 20.24
N ARG A 120 -14.62 2.56 20.98
CA ARG A 120 -14.32 1.47 21.87
C ARG A 120 -14.88 0.21 21.24
N CYS A 121 -14.06 -0.82 21.21
CA CYS A 121 -14.42 -2.11 20.68
C CYS A 121 -14.29 -3.15 21.81
N GLN A 122 -15.41 -3.49 22.43
CA GLN A 122 -15.45 -4.50 23.47
C GLN A 122 -15.68 -5.88 22.89
N GLY A 123 -14.93 -6.86 23.40
CA GLY A 123 -14.95 -8.23 22.93
C GLY A 123 -14.40 -8.37 21.54
N CYS A 124 -13.48 -7.51 21.16
CA CYS A 124 -13.01 -7.45 19.80
C CYS A 124 -11.69 -8.15 19.55
N THR A 125 -11.01 -8.61 20.60
CA THR A 125 -9.80 -9.40 20.45
C THR A 125 -10.01 -10.91 20.31
N GLU A 126 -11.20 -11.41 20.63
CA GLU A 126 -11.49 -12.84 20.54
C GLU A 126 -12.82 -12.98 19.83
N TRP A 127 -12.87 -13.80 18.78
CA TRP A 127 -14.05 -13.93 17.92
C TRP A 127 -14.73 -15.26 18.12
N ASN A 128 -15.98 -15.32 17.67
CA ASN A 128 -16.78 -16.49 17.86
C ASN A 128 -16.45 -17.67 17.00
N ASN A 129 -15.54 -17.53 16.04
CA ASN A 129 -14.94 -18.65 15.34
C ASN A 129 -13.74 -19.25 16.11
N GLY A 130 -13.41 -18.72 17.27
CA GLY A 130 -12.23 -19.20 17.99
C GLY A 130 -10.92 -18.47 17.71
N GLY A 131 -10.92 -17.60 16.72
CA GLY A 131 -9.78 -16.80 16.37
C GLY A 131 -9.71 -15.51 17.19
N GLY A 132 -8.72 -14.73 16.87
CA GLY A 132 -8.59 -13.38 17.40
C GLY A 132 -7.19 -12.85 17.33
N ILE A 133 -6.91 -11.84 18.14
CA ILE A 133 -5.57 -11.32 18.17
C ILE A 133 -4.91 -11.54 19.50
N ASP A 134 -3.61 -11.71 19.43
CA ASP A 134 -2.80 -11.85 20.60
C ASP A 134 -2.15 -10.51 20.96
N VAL A 135 -2.61 -9.88 22.03
CA VAL A 135 -2.19 -8.53 22.37
C VAL A 135 -0.82 -8.43 22.98
N THR A 136 -0.14 -9.56 23.20
CA THR A 136 1.26 -9.55 23.65
C THR A 136 2.24 -9.78 22.53
N SER A 137 1.78 -9.93 21.29
CA SER A 137 2.75 -10.21 20.19
C SER A 137 2.61 -9.27 18.97
N GLN A 138 3.24 -9.65 17.88
CA GLN A 138 3.34 -8.82 16.71
C GLN A 138 2.31 -9.40 15.72
N GLY A 139 1.56 -8.56 15.04
CA GLY A 139 0.63 -9.05 14.05
C GLY A 139 0.44 -8.11 12.88
N VAL A 140 -0.56 -8.38 12.05
CA VAL A 140 -0.85 -7.58 10.88
C VAL A 140 -2.28 -7.10 10.94
N LEU A 141 -2.48 -5.81 10.66
CA LEU A 141 -3.81 -5.24 10.51
C LEU A 141 -3.96 -4.86 9.03
N ALA A 142 -5.19 -4.72 8.55
CA ALA A 142 -5.44 -4.19 7.23
C ALA A 142 -6.59 -3.22 7.29
N TRP A 143 -6.61 -2.35 6.28
CA TRP A 143 -7.66 -1.37 6.09
C TRP A 143 -8.20 -1.52 4.71
N ALA A 144 -9.42 -1.08 4.51
CA ALA A 144 -10.01 -1.08 3.19
C ALA A 144 -10.68 0.27 3.03
N PHE A 145 -10.69 0.78 1.79
CA PHE A 145 -11.09 2.14 1.51
C PHE A 145 -11.98 2.15 0.28
N SER A 146 -13.01 3.00 0.28
CA SER A 146 -13.75 3.31 -0.92
C SER A 146 -14.02 4.80 -1.03
N ASN A 147 -13.94 5.31 -2.24
CA ASN A 147 -14.41 6.68 -2.53
C ASN A 147 -15.85 6.73 -3.08
N VAL A 148 -16.56 5.61 -2.99
CA VAL A 148 -17.98 5.50 -3.40
C VAL A 148 -18.87 5.18 -2.19
N ALA A 149 -19.95 5.96 -2.06
CA ALA A 149 -20.90 5.86 -0.95
C ALA A 149 -21.54 4.49 -0.89
N VAL A 150 -21.85 4.08 0.33
CA VAL A 150 -22.58 2.83 0.56
C VAL A 150 -24.01 2.99 0.01
N ASP A 151 -24.72 1.88 -0.19
CA ASP A 151 -26.04 1.89 -0.86
C ASP A 151 -27.08 2.61 -0.05
N ASP A 152 -27.01 2.53 1.29
CA ASP A 152 -27.91 3.28 2.16
C ASP A 152 -27.24 3.72 3.45
N PRO A 153 -26.73 4.94 3.47
CA PRO A 153 -25.94 5.47 4.58
C PRO A 153 -26.62 5.54 5.93
N SER A 154 -27.94 5.56 6.01
CA SER A 154 -28.60 5.50 7.33
C SER A 154 -28.66 4.07 7.92
N ASP A 155 -28.40 3.04 7.13
CA ASP A 155 -28.47 1.66 7.59
C ASP A 155 -27.04 1.16 7.93
N PRO A 156 -26.78 0.89 9.20
CA PRO A 156 -25.48 0.34 9.63
C PRO A 156 -25.16 -0.98 8.94
N GLN A 157 -26.20 -1.74 8.55
CA GLN A 157 -25.99 -2.98 7.79
C GLN A 157 -26.09 -2.83 6.29
N SER A 158 -25.95 -1.61 5.78
CA SER A 158 -26.04 -1.35 4.34
C SER A 158 -25.07 -2.20 3.56
N THR A 159 -25.50 -2.61 2.39
CA THR A 159 -24.59 -3.18 1.42
C THR A 159 -23.80 -2.01 0.79
N PHE A 160 -22.78 -2.41 0.06
CA PHE A 160 -21.89 -1.47 -0.63
C PHE A 160 -21.03 -2.24 -1.57
N SER A 161 -20.31 -1.52 -2.40
CA SER A 161 -19.49 -2.20 -3.39
C SER A 161 -18.04 -2.37 -2.86
N GLU A 162 -17.30 -3.24 -3.51
CA GLU A 162 -15.95 -3.57 -3.14
C GLU A 162 -15.07 -2.34 -2.98
N HIS A 163 -14.20 -2.40 -1.98
CA HIS A 163 -13.23 -1.36 -1.77
C HIS A 163 -12.42 -1.02 -3.04
N THR A 164 -12.02 0.23 -3.20
CA THR A 164 -11.17 0.63 -4.33
C THR A 164 -9.68 0.52 -3.98
N ASP A 165 -9.37 0.37 -2.70
CA ASP A 165 -7.99 0.13 -2.28
C ASP A 165 -8.04 -0.54 -0.92
N PHE A 166 -6.98 -1.27 -0.60
CA PHE A 166 -6.76 -1.84 0.69
C PHE A 166 -5.27 -1.84 0.94
N GLY A 167 -4.88 -2.04 2.18
CA GLY A 167 -3.47 -2.06 2.57
C GLY A 167 -3.31 -2.71 3.93
N PHE A 168 -2.06 -2.93 4.28
CA PHE A 168 -1.63 -3.73 5.42
C PHE A 168 -0.67 -2.93 6.27
N PHE A 169 -0.60 -3.29 7.55
CA PHE A 169 0.53 -2.82 8.35
C PHE A 169 0.82 -3.72 9.51
N GLY A 170 2.12 -3.89 9.78
CA GLY A 170 2.61 -4.57 10.97
C GLY A 170 2.42 -3.74 12.24
N ILE A 171 2.05 -4.43 13.31
CA ILE A 171 1.89 -3.79 14.62
C ILE A 171 2.47 -4.68 15.71
N ASP A 172 3.24 -4.06 16.60
CA ASP A 172 3.69 -4.72 17.81
C ASP A 172 2.69 -4.44 18.93
N TYR A 173 1.74 -5.34 19.10
CA TYR A 173 0.72 -5.15 20.12
C TYR A 173 1.32 -5.02 21.51
N SER A 174 2.46 -5.64 21.79
CA SER A 174 3.06 -5.55 23.13
C SER A 174 3.37 -4.10 23.53
N THR A 175 3.58 -3.23 22.55
CA THR A 175 3.88 -1.83 22.81
C THR A 175 2.72 -0.87 22.59
N ALA A 176 1.54 -1.43 22.38
CA ALA A 176 0.36 -0.63 22.11
C ALA A 176 -0.59 -0.50 23.32
N HIS A 177 -0.11 -0.83 24.51
CA HIS A 177 -0.90 -0.69 25.74
C HIS A 177 -0.65 0.65 26.41
N SER A 178 -1.66 1.18 27.13
CA SER A 178 -1.52 2.47 27.76
C SER A 178 -2.09 2.45 29.18
N ALA A 179 -1.31 3.00 30.10
CA ALA A 179 -1.75 3.23 31.46
C ALA A 179 -2.93 4.19 31.54
N ASN A 180 -3.08 5.05 30.53
CA ASN A 180 -4.14 6.02 30.48
C ASN A 180 -5.46 5.51 29.86
N TYR A 181 -5.55 4.22 29.59
CA TYR A 181 -6.72 3.66 28.92
C TYR A 181 -8.01 4.00 29.67
N GLN A 182 -7.97 3.84 30.99
CA GLN A 182 -9.15 4.05 31.84
C GLN A 182 -9.56 5.53 31.78
N ASN A 183 -8.58 6.42 31.72
CA ASN A 183 -8.87 7.83 31.49
C ASN A 183 -9.48 8.10 30.14
N TYR A 184 -9.10 7.38 29.10
CA TYR A 184 -9.71 7.54 27.78
C TYR A 184 -11.21 7.16 27.77
N LEU A 185 -11.57 6.19 28.60
CA LEU A 185 -12.96 5.77 28.77
C LEU A 185 -13.81 6.77 29.57
N ASN A 186 -13.22 7.54 30.48
CA ASN A 186 -13.94 8.61 31.19
C ASN A 186 -14.15 9.90 30.31
N SER B 2 7.75 -5.26 1.60
CA SER B 2 9.10 -5.78 1.42
C SER B 2 9.24 -6.66 0.19
N ALA B 3 10.29 -6.40 -0.58
CA ALA B 3 10.64 -7.24 -1.74
C ALA B 3 11.20 -8.60 -1.35
N SER B 4 11.01 -9.57 -2.24
CA SER B 4 11.59 -10.89 -2.10
C SER B 4 11.96 -11.39 -3.49
N GLN B 5 12.75 -12.46 -3.51
CA GLN B 5 13.14 -13.11 -4.75
C GLN B 5 12.04 -14.00 -5.31
N PHE B 6 11.89 -13.97 -6.62
CA PHE B 6 10.90 -14.78 -7.33
C PHE B 6 11.47 -15.05 -8.72
N THR B 7 10.92 -16.07 -9.37
CA THR B 7 11.31 -16.45 -10.72
C THR B 7 10.16 -16.21 -11.71
N ASP B 8 10.47 -15.64 -12.87
CA ASP B 8 9.44 -15.42 -13.88
C ASP B 8 9.15 -16.78 -14.51
N PRO B 9 7.91 -17.25 -14.39
CA PRO B 9 7.55 -18.60 -14.84
C PRO B 9 7.72 -18.84 -16.35
N THR B 10 7.55 -17.83 -17.20
CA THR B 10 7.76 -18.03 -18.64
C THR B 10 9.23 -18.01 -19.07
N THR B 11 10.04 -17.08 -18.53
CA THR B 11 11.39 -16.83 -19.01
C THR B 11 12.48 -17.47 -18.16
N GLY B 12 12.15 -17.88 -16.93
CA GLY B 12 13.15 -18.28 -15.94
C GLY B 12 14.08 -17.20 -15.38
N PHE B 13 13.84 -15.93 -15.70
CA PHE B 13 14.66 -14.85 -15.14
C PHE B 13 14.36 -14.79 -13.64
N GLN B 14 15.39 -14.58 -12.84
CA GLN B 14 15.24 -14.45 -11.41
C GLN B 14 15.26 -12.93 -11.11
N PHE B 15 14.25 -12.45 -10.39
CA PHE B 15 14.09 -11.04 -10.03
C PHE B 15 14.00 -10.88 -8.53
N THR B 16 14.10 -9.64 -8.04
CA THR B 16 13.77 -9.28 -6.70
C THR B 16 12.73 -8.18 -6.83
N GLY B 17 11.61 -8.36 -6.12
CA GLY B 17 10.52 -7.41 -6.22
C GLY B 17 9.26 -7.86 -5.47
N ILE B 18 8.09 -7.37 -5.91
CA ILE B 18 6.84 -7.57 -5.20
C ILE B 18 5.76 -7.70 -6.23
N THR B 19 4.62 -8.19 -5.77
CA THR B 19 3.37 -8.06 -6.50
C THR B 19 2.47 -7.22 -5.61
N ASP B 20 2.03 -6.07 -6.14
CA ASP B 20 1.04 -5.26 -5.44
C ASP B 20 -0.30 -6.00 -5.48
N PRO B 21 -0.88 -6.38 -4.33
CA PRO B 21 -2.13 -7.19 -4.38
C PRO B 21 -3.40 -6.43 -4.84
N VAL B 22 -3.40 -5.09 -4.78
CA VAL B 22 -4.59 -4.32 -5.13
C VAL B 22 -4.80 -4.34 -6.64
N HIS B 23 -3.74 -4.06 -7.38
CA HIS B 23 -3.81 -3.97 -8.85
C HIS B 23 -3.19 -5.17 -9.54
N ASP B 24 -2.55 -6.01 -8.76
CA ASP B 24 -1.95 -7.26 -9.23
C ASP B 24 -0.87 -7.04 -10.29
N VAL B 25 -0.07 -6.01 -10.08
CA VAL B 25 1.09 -5.72 -10.89
C VAL B 25 2.26 -6.29 -10.16
N THR B 26 3.10 -7.00 -10.89
CA THR B 26 4.35 -7.46 -10.40
C THR B 26 5.47 -6.55 -10.89
N TYR B 27 6.36 -6.17 -9.99
CA TYR B 27 7.56 -5.39 -10.30
C TYR B 27 8.80 -6.23 -9.89
N GLY B 28 9.75 -6.38 -10.82
CA GLY B 28 10.95 -7.17 -10.61
C GLY B 28 12.19 -6.48 -11.10
N PHE B 29 13.30 -6.66 -10.40
CA PHE B 29 14.58 -6.01 -10.69
C PHE B 29 15.71 -7.03 -10.56
N VAL B 30 16.68 -6.95 -11.44
CA VAL B 30 17.87 -7.75 -11.29
C VAL B 30 19.06 -6.97 -11.76
N PHE B 31 20.17 -7.11 -11.05
CA PHE B 31 21.35 -6.32 -11.28
C PHE B 31 22.52 -7.17 -11.73
N PRO B 32 23.49 -6.56 -12.43
CA PRO B 32 24.73 -7.27 -12.77
C PRO B 32 25.53 -7.64 -11.55
N PRO B 33 26.50 -8.53 -11.69
CA PRO B 33 27.34 -8.89 -10.54
C PRO B 33 27.97 -7.71 -9.83
N LEU B 34 27.98 -7.78 -8.51
CA LEU B 34 28.64 -6.78 -7.69
C LEU B 34 30.10 -6.70 -8.07
N ALA B 35 30.61 -5.49 -8.26
CA ALA B 35 32.03 -5.24 -8.48
C ALA B 35 32.67 -4.89 -7.11
N THR B 36 33.93 -5.20 -6.95
CA THR B 36 34.69 -4.82 -5.76
C THR B 36 35.93 -4.00 -6.19
N SER B 37 36.57 -4.36 -7.31
CA SER B 37 37.74 -3.62 -7.78
C SER B 37 37.34 -2.51 -8.76
N GLY B 38 36.04 -2.39 -9.07
CA GLY B 38 35.58 -1.32 -9.96
C GLY B 38 34.32 -0.69 -9.41
N ALA B 39 33.98 0.49 -9.91
CA ALA B 39 32.74 1.12 -9.49
C ALA B 39 31.58 0.23 -9.98
N GLN B 40 30.43 0.29 -9.28
CA GLN B 40 29.29 -0.53 -9.67
C GLN B 40 28.82 -0.19 -11.06
N SER B 41 28.28 -1.19 -11.77
CA SER B 41 27.52 -0.94 -13.00
C SER B 41 26.36 0.04 -12.74
N THR B 42 26.02 0.80 -13.77
CA THR B 42 24.92 1.74 -13.72
C THR B 42 23.67 1.19 -14.42
N GLU B 43 23.62 -0.08 -14.78
CA GLU B 43 22.41 -0.64 -15.37
C GLU B 43 21.76 -1.71 -14.52
N PHE B 44 20.54 -2.07 -14.93
CA PHE B 44 19.79 -3.17 -14.39
C PHE B 44 18.70 -3.56 -15.42
N ILE B 45 18.11 -4.70 -15.16
CA ILE B 45 16.96 -5.22 -15.96
C ILE B 45 15.76 -5.28 -15.03
N GLY B 46 14.59 -4.90 -15.53
CA GLY B 46 13.38 -4.93 -14.72
C GLY B 46 12.25 -5.52 -15.51
N GLU B 47 11.14 -5.80 -14.84
CA GLU B 47 9.92 -6.16 -15.51
C GLU B 47 8.69 -5.60 -14.79
N VAL B 48 7.66 -5.27 -15.54
CA VAL B 48 6.39 -4.90 -15.00
C VAL B 48 5.42 -5.89 -15.66
N VAL B 49 4.69 -6.65 -14.85
CA VAL B 49 3.63 -7.54 -15.31
C VAL B 49 2.31 -7.00 -14.81
N ALA B 50 1.52 -6.47 -15.72
CA ALA B 50 0.37 -5.66 -15.40
C ALA B 50 -0.89 -6.17 -16.08
N PRO B 51 -1.98 -6.34 -15.34
CA PRO B 51 -3.29 -6.51 -16.02
C PRO B 51 -3.60 -5.35 -16.97
N ILE B 52 -4.33 -5.64 -18.04
CA ILE B 52 -4.61 -4.67 -19.10
C ILE B 52 -5.39 -3.44 -18.64
N ALA B 53 -6.19 -3.60 -17.61
CA ALA B 53 -6.82 -2.46 -16.94
C ALA B 53 -5.79 -1.44 -16.41
N SER B 54 -4.55 -1.87 -16.27
CA SER B 54 -3.48 -0.97 -15.88
C SER B 54 -3.13 -0.08 -17.07
N LYS B 55 -3.54 1.18 -17.04
CA LYS B 55 -3.41 2.04 -18.23
C LYS B 55 -2.07 2.74 -18.30
N TRP B 56 -1.51 3.10 -17.14
CA TRP B 56 -0.08 3.40 -17.05
C TRP B 56 0.52 3.03 -15.69
N ILE B 57 1.81 2.70 -15.74
CA ILE B 57 2.55 2.33 -14.53
C ILE B 57 3.83 3.16 -14.48
N GLY B 58 4.18 3.59 -13.29
CA GLY B 58 5.46 4.23 -13.05
C GLY B 58 6.29 3.56 -11.97
N ILE B 59 7.63 3.59 -12.12
CA ILE B 59 8.55 3.13 -11.13
C ILE B 59 9.42 4.32 -10.72
N ALA B 60 9.42 4.65 -9.42
CA ALA B 60 10.26 5.72 -8.91
C ALA B 60 11.46 5.07 -8.25
N LEU B 61 12.63 5.28 -8.85
CA LEU B 61 13.82 4.52 -8.55
C LEU B 61 14.47 4.98 -7.26
N GLY B 62 14.01 6.13 -6.76
CA GLY B 62 14.42 6.66 -5.45
C GLY B 62 13.24 6.69 -4.47
N GLY B 63 12.14 6.05 -4.86
CA GLY B 63 11.01 5.92 -3.97
C GLY B 63 10.22 7.20 -3.75
N ALA B 64 10.27 8.13 -4.73
CA ALA B 64 9.64 9.44 -4.55
C ALA B 64 9.12 10.05 -5.83
N HIS B 65 8.11 10.89 -5.74
CA HIS B 65 7.63 11.65 -6.89
C HIS B 65 8.78 12.52 -7.40
N ASN B 66 9.46 13.23 -6.49
CA ASN B 66 10.38 14.32 -6.84
C ASN B 66 11.83 13.91 -6.71
N ASN B 67 12.69 14.48 -7.55
CA ASN B 67 14.13 14.37 -7.42
C ASN B 67 14.72 12.99 -7.47
N ASP B 68 14.12 12.17 -8.32
CA ASP B 68 14.66 10.85 -8.59
C ASP B 68 14.24 10.41 -9.97
N LEU B 69 15.03 9.52 -10.57
CA LEU B 69 14.74 9.00 -11.90
C LEU B 69 13.46 8.15 -11.89
N LEU B 70 12.54 8.47 -12.79
CA LEU B 70 11.25 7.74 -12.95
C LEU B 70 11.19 7.02 -14.30
N LEU B 71 10.63 5.82 -14.28
CA LEU B 71 10.34 5.03 -15.50
C LEU B 71 8.83 4.93 -15.61
N VAL B 72 8.30 5.29 -16.79
CA VAL B 72 6.87 5.30 -17.05
C VAL B 72 6.63 4.48 -18.30
N ALA B 73 5.60 3.66 -18.28
CA ALA B 73 5.27 2.78 -19.40
C ALA B 73 3.78 2.50 -19.48
N TRP B 74 3.33 2.17 -20.69
CA TRP B 74 1.99 1.75 -20.95
C TRP B 74 1.95 0.97 -22.24
N ALA B 75 0.88 0.21 -22.41
CA ALA B 75 0.57 -0.50 -23.64
C ALA B 75 -0.21 0.40 -24.55
N ASN B 76 0.24 0.48 -25.81
CA ASN B 76 -0.50 1.09 -26.91
C ASN B 76 -0.68 0.05 -28.06
N GLY B 77 -1.82 -0.61 -28.09
CA GLY B 77 -2.02 -1.78 -28.94
C GLY B 77 -1.06 -2.91 -28.61
N ASN B 78 -0.25 -3.27 -29.58
CA ASN B 78 0.67 -4.39 -29.48
C ASN B 78 2.09 -3.96 -29.06
N GLN B 79 2.26 -2.72 -28.61
CA GLN B 79 3.59 -2.22 -28.23
C GLN B 79 3.60 -1.56 -26.86
N ILE B 80 4.74 -1.60 -26.21
CA ILE B 80 4.97 -0.83 -25.01
C ILE B 80 5.59 0.51 -25.40
N VAL B 81 5.00 1.59 -24.91
CA VAL B 81 5.57 2.91 -24.97
C VAL B 81 6.16 3.24 -23.60
N SER B 82 7.41 3.71 -23.59
CA SER B 82 8.11 3.96 -22.34
C SER B 82 8.98 5.23 -22.41
N SER B 83 9.25 5.78 -21.23
CA SER B 83 10.06 6.99 -21.09
C SER B 83 10.79 7.03 -19.72
N THR B 84 11.91 7.77 -19.69
CA THR B 84 12.57 8.14 -18.45
C THR B 84 12.16 9.56 -18.10
N ARG B 85 11.77 9.80 -16.85
CA ARG B 85 11.22 11.09 -16.40
C ARG B 85 11.73 11.56 -15.05
N TRP B 86 11.39 12.79 -14.70
CA TRP B 86 11.84 13.47 -13.50
C TRP B 86 10.81 14.49 -13.16
N ALA B 87 10.71 14.81 -11.89
CA ALA B 87 9.79 15.85 -11.40
C ALA B 87 10.42 16.62 -10.24
N THR B 88 10.08 17.89 -10.12
CA THR B 88 10.27 18.68 -8.90
C THR B 88 8.88 19.20 -8.58
N GLY B 89 8.61 19.56 -7.35
CA GLY B 89 7.34 20.18 -7.00
C GLY B 89 5.97 19.51 -7.20
N TYR B 90 5.94 18.19 -7.42
CA TYR B 90 4.66 17.42 -7.43
C TYR B 90 3.80 17.68 -8.65
N VAL B 91 4.44 18.00 -9.75
CA VAL B 91 3.73 18.16 -11.01
C VAL B 91 4.10 17.03 -11.95
N GLN B 92 3.34 16.97 -13.03
CA GLN B 92 3.52 16.08 -14.14
C GLN B 92 5.02 15.93 -14.40
N PRO B 93 5.52 14.71 -14.23
CA PRO B 93 6.92 14.41 -14.57
C PRO B 93 7.14 14.57 -16.07
N THR B 94 8.29 15.14 -16.40
CA THR B 94 8.70 15.39 -17.75
C THR B 94 10.00 14.66 -18.06
N ALA B 95 10.43 14.76 -19.31
CA ALA B 95 11.58 14.01 -19.79
C ALA B 95 12.84 14.25 -18.95
N TYR B 96 13.53 13.15 -18.65
CA TYR B 96 14.77 13.21 -17.89
C TYR B 96 15.84 13.82 -18.76
N THR B 97 16.61 14.72 -18.17
CA THR B 97 17.59 15.51 -18.85
C THR B 97 18.94 14.85 -18.82
N GLY B 98 19.11 13.74 -18.09
CA GLY B 98 20.40 13.10 -18.06
C GLY B 98 20.47 12.00 -19.12
N THR B 99 21.50 11.17 -19.02
CA THR B 99 21.75 10.05 -19.93
C THR B 99 21.25 8.76 -19.24
N ALA B 100 20.21 8.19 -19.80
CA ALA B 100 19.65 6.92 -19.35
C ALA B 100 18.95 6.33 -20.57
N THR B 101 19.16 5.05 -20.82
CA THR B 101 18.60 4.40 -22.01
C THR B 101 17.75 3.21 -21.58
N LEU B 102 16.47 3.23 -21.94
CA LEU B 102 15.54 2.15 -21.67
C LEU B 102 15.38 1.36 -22.91
N THR B 103 15.65 0.07 -22.86
CA THR B 103 15.48 -0.80 -23.99
C THR B 103 14.45 -1.87 -23.67
N THR B 104 13.41 -1.95 -24.49
CA THR B 104 12.40 -2.99 -24.36
C THR B 104 13.01 -4.29 -24.87
N LEU B 105 13.16 -5.29 -24.00
CA LEU B 105 13.74 -6.57 -24.37
C LEU B 105 12.67 -7.52 -25.00
N PRO B 106 13.11 -8.50 -25.80
CA PRO B 106 12.20 -9.37 -26.54
C PRO B 106 11.28 -10.25 -25.71
N GLU B 107 11.55 -10.42 -24.41
CA GLU B 107 10.68 -11.20 -23.52
C GLU B 107 9.35 -10.47 -23.21
N THR B 108 9.28 -9.22 -23.63
CA THR B 108 8.10 -8.40 -23.52
C THR B 108 6.96 -9.05 -24.29
N THR B 109 5.78 -9.16 -23.66
CA THR B 109 4.57 -9.68 -24.29
C THR B 109 3.34 -8.82 -23.99
N ILE B 110 2.44 -8.74 -24.96
CA ILE B 110 1.13 -8.21 -24.73
C ILE B 110 0.13 -9.26 -25.23
N ASN B 111 -0.76 -9.70 -24.34
CA ASN B 111 -1.88 -10.55 -24.68
C ASN B 111 -3.20 -9.95 -24.19
N SER B 112 -4.26 -10.74 -24.16
CA SER B 112 -5.61 -10.22 -23.88
C SER B 112 -5.88 -9.85 -22.40
N THR B 113 -5.15 -10.47 -21.48
CA THR B 113 -5.31 -10.14 -20.06
C THR B 113 -4.14 -9.29 -19.44
N HIS B 114 -2.94 -9.31 -19.99
CA HIS B 114 -1.77 -8.69 -19.35
C HIS B 114 -0.87 -8.05 -20.34
N TRP B 115 -0.20 -6.99 -19.91
CA TRP B 115 1.05 -6.54 -20.55
C TRP B 115 2.26 -6.74 -19.64
N LYS B 116 3.30 -7.33 -20.23
CA LYS B 116 4.51 -7.67 -19.52
C LYS B 116 5.66 -6.95 -20.23
N TRP B 117 6.16 -5.88 -19.60
CA TRP B 117 7.28 -5.13 -20.09
C TRP B 117 8.56 -5.58 -19.39
N VAL B 118 9.46 -6.16 -20.15
CA VAL B 118 10.76 -6.56 -19.68
C VAL B 118 11.77 -5.62 -20.31
N PHE B 119 12.62 -4.99 -19.49
CA PHE B 119 13.40 -3.87 -19.96
C PHE B 119 14.81 -3.84 -19.40
N ARG B 120 15.71 -3.17 -20.14
CA ARG B 120 17.05 -2.86 -19.67
C ARG B 120 17.14 -1.36 -19.51
N CYS B 121 17.71 -0.92 -18.39
CA CYS B 121 17.86 0.47 -18.07
C CYS B 121 19.34 0.79 -17.84
N GLN B 122 19.97 1.42 -18.82
CA GLN B 122 21.35 1.83 -18.73
C GLN B 122 21.50 3.25 -18.24
N GLY B 123 22.46 3.48 -17.33
CA GLY B 123 22.63 4.78 -16.72
C GLY B 123 21.53 5.08 -15.69
N CYS B 124 20.88 4.06 -15.18
CA CYS B 124 19.70 4.30 -14.38
C CYS B 124 19.93 4.28 -12.85
N THR B 125 21.11 3.89 -12.38
CA THR B 125 21.37 3.94 -10.95
C THR B 125 22.07 5.20 -10.49
N GLU B 126 22.58 6.01 -11.39
CA GLU B 126 23.30 7.23 -11.02
C GLU B 126 22.78 8.34 -11.92
N TRP B 127 22.38 9.45 -11.30
CA TRP B 127 21.54 10.47 -11.92
C TRP B 127 22.31 11.76 -12.07
N ASN B 128 21.84 12.62 -12.98
CA ASN B 128 22.63 13.79 -13.34
C ASN B 128 22.58 14.96 -12.36
N ASN B 129 21.86 14.78 -11.25
CA ASN B 129 21.96 15.69 -10.12
C ASN B 129 22.94 15.24 -9.04
N GLY B 130 23.68 14.14 -9.25
CA GLY B 130 24.52 13.57 -8.21
C GLY B 130 23.84 12.53 -7.33
N GLY B 131 22.57 12.32 -7.51
CA GLY B 131 21.86 11.35 -6.72
C GLY B 131 21.93 10.00 -7.41
N GLY B 132 21.24 9.05 -6.82
CA GLY B 132 21.17 7.72 -7.42
C GLY B 132 20.83 6.67 -6.38
N ILE B 133 21.02 5.42 -6.71
CA ILE B 133 20.83 4.38 -5.74
C ILE B 133 22.17 3.67 -5.47
N ASP B 134 22.28 3.13 -4.27
CA ASP B 134 23.41 2.28 -3.87
C ASP B 134 23.05 0.78 -3.97
N VAL B 135 23.53 0.13 -5.05
CA VAL B 135 23.20 -1.25 -5.38
C VAL B 135 23.86 -2.28 -4.47
N THR B 136 24.64 -1.81 -3.48
CA THR B 136 25.18 -2.68 -2.43
C THR B 136 24.45 -2.59 -1.13
N SER B 137 23.46 -1.73 -1.03
CA SER B 137 22.80 -1.58 0.22
C SER B 137 21.26 -1.63 0.10
N GLN B 138 20.55 -1.11 1.07
CA GLN B 138 19.09 -1.29 1.20
C GLN B 138 18.47 0.02 0.81
N GLY B 139 17.41 -0.04 0.04
CA GLY B 139 16.75 1.18 -0.36
C GLY B 139 15.23 1.00 -0.42
N VAL B 140 14.59 2.06 -0.88
CA VAL B 140 13.15 2.06 -1.06
C VAL B 140 12.86 2.36 -2.50
N LEU B 141 11.97 1.56 -3.08
CA LEU B 141 11.42 1.80 -4.39
C LEU B 141 9.93 2.15 -4.23
N ALA B 142 9.36 2.78 -5.25
CA ALA B 142 7.95 3.02 -5.30
C ALA B 142 7.43 2.81 -6.68
N TRP B 143 6.14 2.70 -6.74
CA TRP B 143 5.37 2.54 -7.98
C TRP B 143 4.18 3.44 -7.96
N ALA B 144 3.68 3.72 -9.16
CA ALA B 144 2.50 4.58 -9.36
C ALA B 144 1.64 3.92 -10.40
N PHE B 145 0.34 3.96 -10.14
CA PHE B 145 -0.64 3.24 -10.98
C PHE B 145 -1.76 4.15 -11.40
N SER B 146 -2.22 3.94 -12.62
CA SER B 146 -3.45 4.58 -13.08
C SER B 146 -4.30 3.63 -13.89
N ASN B 147 -5.62 3.73 -13.71
CA ASN B 147 -6.57 3.06 -14.59
C ASN B 147 -7.19 4.02 -15.62
N VAL B 148 -6.58 5.20 -15.82
CA VAL B 148 -7.05 6.18 -16.83
C VAL B 148 -5.96 6.31 -17.89
N ALA B 149 -6.35 6.16 -19.15
CA ALA B 149 -5.42 6.24 -20.27
C ALA B 149 -4.66 7.57 -20.32
N VAL B 150 -3.42 7.49 -20.78
CA VAL B 150 -2.62 8.72 -20.95
C VAL B 150 -3.29 9.57 -22.07
N ASP B 151 -2.94 10.86 -22.15
CA ASP B 151 -3.56 11.81 -23.10
C ASP B 151 -3.32 11.45 -24.53
N ASP B 152 -2.15 10.90 -24.81
CA ASP B 152 -1.72 10.60 -26.17
C ASP B 152 -0.82 9.35 -26.19
N PRO B 153 -1.44 8.17 -26.26
CA PRO B 153 -0.70 6.89 -26.13
C PRO B 153 0.43 6.62 -27.10
N SER B 154 0.42 7.24 -28.27
CA SER B 154 1.50 6.99 -29.22
C SER B 154 2.73 7.82 -28.92
N ASP B 155 2.60 8.84 -28.09
CA ASP B 155 3.74 9.70 -27.75
C ASP B 155 4.41 9.26 -26.42
N PRO B 156 5.69 8.84 -26.42
CA PRO B 156 6.37 8.51 -25.17
C PRO B 156 6.38 9.65 -24.16
N GLN B 157 6.31 10.90 -24.62
CA GLN B 157 6.29 12.07 -23.75
C GLN B 157 4.89 12.60 -23.45
N SER B 158 3.88 11.82 -23.74
CA SER B 158 2.53 12.22 -23.44
C SER B 158 2.35 12.72 -22.03
N THR B 159 1.46 13.70 -21.88
CA THR B 159 0.93 14.04 -20.57
C THR B 159 -0.11 13.02 -20.11
N PHE B 160 -0.43 13.09 -18.83
CA PHE B 160 -1.43 12.21 -18.25
C PHE B 160 -1.87 12.74 -16.89
N SER B 161 -2.90 12.14 -16.29
CA SER B 161 -3.31 12.69 -14.99
C SER B 161 -2.70 11.86 -13.81
N GLU B 162 -2.80 12.42 -12.62
CA GLU B 162 -2.20 11.89 -11.43
C GLU B 162 -2.62 10.45 -11.23
N HIS B 163 -1.67 9.66 -10.74
CA HIS B 163 -1.94 8.26 -10.38
C HIS B 163 -3.14 8.19 -9.39
N THR B 164 -3.93 7.13 -9.53
CA THR B 164 -5.02 6.83 -8.60
C THR B 164 -4.51 5.99 -7.41
N ASP B 165 -3.32 5.42 -7.54
CA ASP B 165 -2.67 4.77 -6.41
C ASP B 165 -1.15 4.81 -6.54
N PHE B 166 -0.46 4.69 -5.41
CA PHE B 166 0.98 4.58 -5.36
C PHE B 166 1.37 3.78 -4.13
N GLY B 167 2.57 3.22 -4.19
CA GLY B 167 3.02 2.46 -3.03
C GLY B 167 4.49 2.24 -3.05
N PHE B 168 4.97 1.69 -1.95
CA PHE B 168 6.38 1.60 -1.65
C PHE B 168 6.76 0.17 -1.33
N PHE B 169 8.04 -0.11 -1.50
CA PHE B 169 8.63 -1.36 -1.02
C PHE B 169 10.08 -1.24 -0.72
N GLY B 170 10.52 -1.90 0.35
CA GLY B 170 11.92 -1.99 0.71
C GLY B 170 12.55 -3.03 -0.17
N ILE B 171 13.79 -2.79 -0.56
CA ILE B 171 14.52 -3.74 -1.36
C ILE B 171 15.96 -3.74 -0.85
N ASP B 172 16.48 -4.95 -0.67
CA ASP B 172 17.88 -5.12 -0.30
C ASP B 172 18.63 -5.35 -1.60
N TYR B 173 19.16 -4.28 -2.14
CA TYR B 173 19.86 -4.40 -3.43
C TYR B 173 21.09 -5.34 -3.40
N SER B 174 21.71 -5.53 -2.24
CA SER B 174 22.88 -6.45 -2.12
C SER B 174 22.53 -7.92 -2.49
N THR B 175 21.27 -8.29 -2.35
CA THR B 175 20.79 -9.63 -2.70
C THR B 175 20.24 -9.74 -4.10
N ALA B 176 20.23 -8.62 -4.85
CA ALA B 176 19.53 -8.56 -6.10
C ALA B 176 20.41 -8.72 -7.33
N HIS B 177 21.63 -9.18 -7.16
CA HIS B 177 22.55 -9.34 -8.27
C HIS B 177 22.56 -10.78 -8.81
N SER B 178 22.88 -10.93 -10.10
CA SER B 178 22.86 -12.22 -10.72
C SER B 178 24.07 -12.42 -11.63
N ALA B 179 24.75 -13.55 -11.42
CA ALA B 179 25.81 -14.05 -12.31
C ALA B 179 25.28 -14.34 -13.73
N ASN B 180 23.98 -14.61 -13.82
CA ASN B 180 23.28 -14.77 -15.11
C ASN B 180 22.85 -13.52 -15.86
N TYR B 181 23.21 -12.34 -15.37
CA TYR B 181 22.71 -11.10 -15.98
C TYR B 181 23.00 -10.98 -17.49
N GLN B 182 24.24 -11.27 -17.87
CA GLN B 182 24.64 -11.25 -19.30
C GLN B 182 23.80 -12.21 -20.12
N ASN B 183 23.45 -13.37 -19.54
CA ASN B 183 22.55 -14.32 -20.25
C ASN B 183 21.18 -13.77 -20.56
N TYR B 184 20.62 -12.96 -19.64
CA TYR B 184 19.34 -12.30 -19.83
C TYR B 184 19.35 -11.29 -20.97
N LEU B 185 20.48 -10.62 -21.20
CA LEU B 185 20.61 -9.71 -22.34
C LEU B 185 20.66 -10.40 -23.71
N ASN B 186 21.25 -11.60 -23.79
CA ASN B 186 21.46 -12.30 -25.07
C ASN B 186 20.33 -13.26 -25.44
#